data_4RE3
#
_entry.id   4RE3
#
_cell.length_a   68.100
_cell.length_b   73.209
_cell.length_c   134.047
_cell.angle_alpha   90.00
_cell.angle_beta   90.00
_cell.angle_gamma   90.00
#
_symmetry.space_group_name_H-M   'P 21 21 21'
#
loop_
_entity.id
_entity.type
_entity.pdbx_description
1 polymer Beta-mannosidase/beta-glucosidase
2 non-polymer GLYCEROL
3 non-polymer 2-AMINO-2-HYDROXYMETHYL-PROPANE-1,3-DIOL
4 non-polymer '4-(2-HYDROXYETHYL)-1-PIPERAZINE ETHANESULFONIC ACID'
5 non-polymer GLUCOIMIDAZOLE
6 water water
#
_entity_poly.entity_id   1
_entity_poly.type   'polypeptide(L)'
_entity_poly.pdbx_seq_one_letter_code
;AMADITSLYKKAGSAAAPFTYWLNPEIYDAGGLSRRAFPEGFVFGTAASAYQVEGMAKQGGRGPSIWDAFIEKPGTIPNN
ATADVTVDEYHRYKEDVNIMKNMGFDAYRFSISWSRIFPNGTGMVNQEGVDYYNRLIDYMVKKGIKPYANLYHYDLPLAL
HEQYLGWLSPNIVEAFADYADFCFQTFGDRVKDWFTFNEPRCVAALGYDNGFHAPGRCSGCDAGGNSTTEPYLAAHHLIL
SHAAAVKRYREKYQLYQKGRIGILLDFVWYEPFSDSNADRAAAQRARDFHLGWFLDPIIHGRYPYSMLEIVKDRMPTFSD
EESRMVKDSIDYVGINHYTSFYMKDPGPWNLTPTSYQDDWHVGFAYERNGVPIGAQANSYWLYIVPWGINKAVTYVKETY
GNPTMILSENGMDQPGNVSITQGVHDTVRIRYYRNYITELKKAIDDGAKVIGYFAWSLLDNFEWRLGYTSRFGIVYVDYK
TLKRYPKDSAFWFKNMLSSKKRN
;
_entity_poly.pdbx_strand_id   A
#
loop_
_chem_comp.id
_chem_comp.type
_chem_comp.name
_chem_comp.formula
EPE non-polymer '4-(2-HYDROXYETHYL)-1-PIPERAZINE ETHANESULFONIC ACID' 'C8 H18 N2 O4 S'
GIM non-polymer GLUCOIMIDAZOLE 'C8 H13 N2 O4 1'
GOL non-polymer GLYCEROL 'C3 H8 O3'
TRS non-polymer 2-AMINO-2-HYDROXYMETHYL-PROPANE-1,3-DIOL 'C4 H12 N O3 1'
#
# COMPACT_ATOMS: atom_id res chain seq x y z
N ALA A 16 28.49 -15.37 -8.96
CA ALA A 16 28.14 -14.32 -9.99
C ALA A 16 29.37 -13.63 -10.60
N ALA A 17 29.15 -12.93 -11.72
CA ALA A 17 30.22 -12.24 -12.46
C ALA A 17 30.90 -11.19 -11.59
N PRO A 18 32.20 -10.92 -11.83
CA PRO A 18 33.00 -10.06 -10.97
C PRO A 18 32.36 -8.69 -10.70
N PHE A 19 31.72 -8.11 -11.72
CA PHE A 19 31.16 -6.77 -11.54
C PHE A 19 30.07 -6.68 -10.44
N THR A 20 29.48 -7.83 -10.09
CA THR A 20 28.53 -7.91 -8.99
C THR A 20 29.13 -7.29 -7.72
N TYR A 21 30.41 -7.52 -7.53
CA TYR A 21 31.12 -7.12 -6.31
C TYR A 21 31.86 -5.78 -6.34
N TRP A 22 31.74 -5.04 -7.45
CA TRP A 22 32.22 -3.65 -7.47
C TRP A 22 31.59 -2.90 -6.27
N LEU A 23 32.42 -2.15 -5.53
CA LEU A 23 31.90 -1.40 -4.40
C LEU A 23 31.48 0.02 -4.82
N ASN A 24 30.18 0.27 -4.73
CA ASN A 24 29.58 1.50 -5.21
C ASN A 24 29.79 2.62 -4.19
N PRO A 25 30.52 3.68 -4.56
CA PRO A 25 30.76 4.71 -3.54
C PRO A 25 29.50 5.39 -3.03
N GLU A 26 28.42 5.39 -3.81
CA GLU A 26 27.16 6.05 -3.41
C GLU A 26 26.56 5.43 -2.14
N ILE A 27 26.89 4.17 -1.89
CA ILE A 27 26.46 3.50 -0.67
C ILE A 27 26.82 4.31 0.59
N TYR A 28 27.92 5.04 0.53
CA TYR A 28 28.45 5.73 1.71
C TYR A 28 28.12 7.21 1.79
N ASP A 29 27.35 7.71 0.83
CA ASP A 29 26.83 9.07 0.89
C ASP A 29 25.40 9.04 1.42
N ALA A 30 25.26 9.27 2.73
CA ALA A 30 23.96 9.24 3.35
C ALA A 30 23.21 10.56 3.24
N GLY A 31 23.82 11.55 2.58
CA GLY A 31 23.25 12.88 2.43
C GLY A 31 22.94 13.55 3.76
N GLY A 32 23.73 13.22 4.77
CA GLY A 32 23.56 13.85 6.08
C GLY A 32 22.48 13.22 6.94
N LEU A 33 21.94 12.10 6.48
CA LEU A 33 20.88 11.39 7.20
C LEU A 33 21.44 10.35 8.15
N SER A 34 20.79 10.21 9.29
CA SER A 34 21.09 9.19 10.27
C SER A 34 19.86 9.05 11.16
N ARG A 35 19.88 8.08 12.07
CA ARG A 35 18.83 7.97 13.07
C ARG A 35 18.67 9.22 13.95
N ARG A 36 19.76 9.96 14.15
CA ARG A 36 19.79 11.18 14.96
C ARG A 36 19.19 12.39 14.26
N ALA A 37 18.87 12.23 12.98
CA ALA A 37 18.22 13.29 12.22
C ALA A 37 16.70 13.12 12.29
N PHE A 38 16.28 12.07 13.01
CA PHE A 38 14.88 11.74 13.18
C PHE A 38 14.52 11.65 14.66
N PRO A 39 13.22 11.77 14.98
CA PRO A 39 12.74 11.69 16.36
C PRO A 39 13.20 10.44 17.08
N GLU A 40 13.40 10.57 18.39
CA GLU A 40 13.70 9.43 19.22
C GLU A 40 12.61 8.38 19.02
N GLY A 41 13.02 7.15 18.77
CA GLY A 41 12.08 6.05 18.63
C GLY A 41 11.49 5.88 17.24
N PHE A 42 11.96 6.66 16.28
CA PHE A 42 11.44 6.66 14.93
C PHE A 42 11.71 5.30 14.31
N VAL A 43 10.74 4.77 13.57
CA VAL A 43 10.83 3.41 13.09
C VAL A 43 11.17 3.35 11.60
N PHE A 44 12.21 2.57 11.27
CA PHE A 44 12.58 2.30 9.90
C PHE A 44 12.31 0.82 9.60
N GLY A 45 11.57 0.57 8.52
CA GLY A 45 11.27 -0.81 8.15
C GLY A 45 11.13 -1.04 6.67
N THR A 46 10.76 -2.25 6.28
CA THR A 46 10.36 -2.51 4.90
C THR A 46 8.92 -3.03 4.94
N ALA A 47 8.26 -2.96 3.77
CA ALA A 47 6.89 -3.43 3.65
C ALA A 47 6.73 -4.43 2.50
N ALA A 48 5.86 -5.41 2.72
CA ALA A 48 5.46 -6.33 1.67
C ALA A 48 4.00 -6.71 1.81
N SER A 49 3.56 -7.71 1.04
CA SER A 49 2.21 -8.24 1.14
C SER A 49 2.20 -9.75 0.95
N ALA A 50 1.19 -10.39 1.54
CA ALA A 50 1.01 -11.84 1.47
C ALA A 50 1.14 -12.44 0.07
N TYR A 51 0.36 -11.92 -0.88
CA TYR A 51 0.34 -12.53 -2.21
C TYR A 51 1.61 -12.24 -3.00
N GLN A 52 2.26 -11.11 -2.73
CA GLN A 52 3.41 -10.73 -3.52
C GLN A 52 4.67 -11.49 -3.13
N VAL A 53 4.74 -12.02 -1.91
CA VAL A 53 5.96 -12.69 -1.45
C VAL A 53 5.81 -14.13 -0.90
N GLU A 54 4.65 -14.51 -0.37
CA GLU A 54 4.51 -15.81 0.31
C GLU A 54 4.75 -17.01 -0.59
N GLY A 55 4.11 -17.02 -1.77
CA GLY A 55 3.92 -18.22 -2.56
C GLY A 55 2.96 -19.11 -1.80
N MET A 56 2.96 -20.41 -2.14
CA MET A 56 2.02 -21.39 -1.57
C MET A 56 0.59 -20.93 -1.77
N ALA A 57 0.34 -20.27 -2.91
CA ALA A 57 -0.98 -19.73 -3.22
C ALA A 57 -2.04 -20.80 -3.12
N LYS A 58 -1.73 -21.98 -3.68
CA LYS A 58 -2.69 -23.09 -3.80
C LYS A 58 -2.36 -24.25 -2.86
N GLN A 59 -1.61 -23.97 -1.80
CA GLN A 59 -1.14 -25.04 -0.90
C GLN A 59 -1.34 -24.61 0.56
N GLY A 60 -0.95 -25.47 1.50
CA GLY A 60 -1.00 -25.18 2.93
C GLY A 60 -2.38 -24.79 3.47
N GLY A 61 -3.43 -25.19 2.75
CA GLY A 61 -4.78 -24.93 3.17
C GLY A 61 -5.45 -23.71 2.57
N ARG A 62 -4.65 -22.82 1.97
CA ARG A 62 -5.15 -21.54 1.47
C ARG A 62 -6.24 -21.69 0.41
N GLY A 63 -7.40 -21.08 0.67
CA GLY A 63 -8.50 -21.06 -0.30
C GLY A 63 -8.18 -19.99 -1.32
N PRO A 64 -8.79 -20.05 -2.51
CA PRO A 64 -8.49 -19.10 -3.54
C PRO A 64 -9.02 -17.70 -3.28
N SER A 65 -8.28 -16.69 -3.73
CA SER A 65 -8.69 -15.30 -3.62
C SER A 65 -9.10 -14.85 -5.01
N ILE A 66 -9.65 -13.64 -5.12
CA ILE A 66 -10.02 -13.09 -6.42
C ILE A 66 -8.86 -13.04 -7.40
N TRP A 67 -7.61 -12.98 -6.89
CA TRP A 67 -6.46 -12.84 -7.79
C TRP A 67 -6.11 -14.17 -8.45
N ASP A 68 -6.28 -15.26 -7.71
CA ASP A 68 -6.14 -16.60 -8.27
C ASP A 68 -7.01 -16.79 -9.50
N ALA A 69 -8.30 -16.48 -9.39
CA ALA A 69 -9.20 -16.52 -10.53
C ALA A 69 -8.79 -15.54 -11.62
N PHE A 70 -8.49 -14.31 -11.24
CA PHE A 70 -8.16 -13.23 -12.18
C PHE A 70 -6.95 -13.63 -13.04
N ILE A 71 -5.96 -14.20 -12.38
CA ILE A 71 -4.72 -14.60 -13.02
C ILE A 71 -4.97 -15.66 -14.09
N GLU A 72 -6.02 -16.46 -13.91
CA GLU A 72 -6.34 -17.58 -14.83
C GLU A 72 -6.67 -17.18 -16.26
N LYS A 73 -7.26 -16.00 -16.43
N LYS A 73 -7.23 -15.99 -16.43
CA LYS A 73 -7.52 -15.45 -17.76
CA LYS A 73 -7.56 -15.48 -17.75
C LYS A 73 -6.20 -15.22 -18.49
C LYS A 73 -6.26 -15.17 -18.51
N PRO A 74 -6.07 -15.78 -19.70
CA PRO A 74 -4.83 -15.65 -20.48
C PRO A 74 -4.48 -14.22 -20.85
N GLY A 75 -3.20 -13.89 -20.71
CA GLY A 75 -2.70 -12.55 -21.02
C GLY A 75 -2.82 -11.53 -19.90
N THR A 76 -3.23 -11.97 -18.71
CA THR A 76 -3.48 -11.08 -17.58
C THR A 76 -2.16 -10.59 -16.96
N ILE A 77 -1.32 -11.54 -16.56
CA ILE A 77 0.04 -11.29 -16.14
C ILE A 77 0.99 -11.52 -17.34
N PRO A 78 2.01 -10.65 -17.53
CA PRO A 78 3.00 -10.93 -18.59
C PRO A 78 3.61 -12.33 -18.50
N ASN A 79 3.73 -12.99 -19.65
CA ASN A 79 4.24 -14.36 -19.77
C ASN A 79 3.41 -15.39 -18.98
N ASN A 80 2.13 -15.06 -18.78
CA ASN A 80 1.23 -15.83 -17.91
C ASN A 80 1.99 -16.33 -16.67
N ALA A 81 2.75 -15.43 -16.05
CA ALA A 81 3.42 -15.67 -14.79
C ALA A 81 2.38 -15.73 -13.68
N THR A 82 2.75 -16.36 -12.55
CA THR A 82 1.86 -16.48 -11.39
C THR A 82 2.61 -16.25 -10.08
N ALA A 83 1.85 -16.13 -9.01
CA ALA A 83 2.43 -15.94 -7.69
C ALA A 83 2.27 -17.22 -6.89
N ASP A 84 2.22 -18.36 -7.57
CA ASP A 84 2.05 -19.64 -6.87
C ASP A 84 3.30 -19.92 -6.03
N VAL A 85 4.43 -19.39 -6.48
CA VAL A 85 5.68 -19.53 -5.74
C VAL A 85 6.24 -18.15 -5.41
N THR A 86 6.19 -17.24 -6.39
CA THR A 86 6.91 -15.97 -6.28
C THR A 86 8.30 -16.18 -5.61
N VAL A 87 8.62 -15.35 -4.60
CA VAL A 87 9.91 -15.41 -3.92
C VAL A 87 9.86 -16.35 -2.71
N ASP A 88 8.76 -17.07 -2.60
CA ASP A 88 8.62 -18.16 -1.64
C ASP A 88 9.01 -17.76 -0.22
N GLU A 89 8.38 -16.70 0.29
CA GLU A 89 8.66 -16.27 1.68
C GLU A 89 8.09 -17.27 2.68
N TYR A 90 7.07 -18.01 2.26
CA TYR A 90 6.53 -19.07 3.08
C TYR A 90 7.62 -19.98 3.70
N HIS A 91 8.56 -20.42 2.87
CA HIS A 91 9.65 -21.27 3.33
C HIS A 91 10.94 -20.52 3.68
N ARG A 92 11.21 -19.41 3.01
N ARG A 92 11.14 -19.35 3.07
CA ARG A 92 12.48 -18.70 3.26
CA ARG A 92 12.42 -18.63 3.18
C ARG A 92 12.35 -17.39 4.06
C ARG A 92 12.40 -17.41 4.11
N TYR A 93 11.40 -17.34 4.99
CA TYR A 93 11.19 -16.19 5.87
C TYR A 93 12.33 -15.90 6.85
N LYS A 94 12.98 -16.95 7.35
CA LYS A 94 14.11 -16.78 8.29
C LYS A 94 15.24 -16.03 7.63
N GLU A 95 15.55 -16.41 6.39
CA GLU A 95 16.57 -15.70 5.61
C GLU A 95 16.16 -14.23 5.44
N ASP A 96 14.90 -14.01 5.03
CA ASP A 96 14.39 -12.66 4.77
C ASP A 96 14.47 -11.75 5.99
N VAL A 97 13.98 -12.24 7.13
CA VAL A 97 14.05 -11.50 8.39
C VAL A 97 15.52 -11.22 8.76
N ASN A 98 16.39 -12.21 8.56
CA ASN A 98 17.82 -12.03 8.81
C ASN A 98 18.44 -10.90 8.02
N ILE A 99 18.14 -10.83 6.73
CA ILE A 99 18.56 -9.69 5.89
C ILE A 99 18.05 -8.37 6.48
N MET A 100 16.78 -8.35 6.88
CA MET A 100 16.15 -7.16 7.48
C MET A 100 16.92 -6.67 8.69
N LYS A 101 17.26 -7.60 9.58
CA LYS A 101 18.04 -7.32 10.77
C LYS A 101 19.45 -6.88 10.41
N ASN A 102 20.09 -7.62 9.51
N ASN A 102 20.09 -7.62 9.51
CA ASN A 102 21.46 -7.33 9.10
CA ASN A 102 21.45 -7.31 9.09
C ASN A 102 21.61 -5.96 8.42
C ASN A 102 21.57 -5.91 8.50
N MET A 103 20.59 -5.56 7.67
CA MET A 103 20.57 -4.23 7.04
C MET A 103 20.18 -3.07 7.98
N GLY A 104 19.81 -3.38 9.24
CA GLY A 104 19.55 -2.34 10.23
C GLY A 104 18.09 -1.93 10.46
N PHE A 105 17.15 -2.57 9.78
CA PHE A 105 15.75 -2.22 9.89
C PHE A 105 15.14 -2.58 11.26
N ASP A 106 14.18 -1.78 11.70
CA ASP A 106 13.55 -1.97 13.00
C ASP A 106 12.26 -2.75 12.91
N ALA A 107 11.70 -2.79 11.70
CA ALA A 107 10.33 -3.23 11.53
C ALA A 107 10.05 -3.88 10.16
N TYR A 108 9.04 -4.72 10.15
CA TYR A 108 8.54 -5.31 8.93
C TYR A 108 7.01 -5.21 8.89
N ARG A 109 6.50 -4.52 7.86
CA ARG A 109 5.07 -4.49 7.64
C ARG A 109 4.73 -5.57 6.62
N PHE A 110 4.03 -6.60 7.07
CA PHE A 110 3.59 -7.70 6.21
C PHE A 110 2.07 -7.70 6.20
N SER A 111 1.47 -8.55 5.38
CA SER A 111 0.03 -8.73 5.46
C SER A 111 -0.36 -10.17 5.72
N ILE A 112 -1.47 -10.35 6.43
CA ILE A 112 -2.04 -11.67 6.60
C ILE A 112 -3.00 -11.91 5.43
N SER A 113 -2.99 -13.12 4.90
CA SER A 113 -3.88 -13.48 3.80
C SER A 113 -5.19 -13.99 4.40
N TRP A 114 -6.27 -13.29 4.09
CA TRP A 114 -7.60 -13.62 4.62
C TRP A 114 -7.92 -15.07 4.26
N SER A 115 -7.79 -15.41 2.98
CA SER A 115 -8.16 -16.72 2.51
C SER A 115 -7.18 -17.81 2.90
N ARG A 116 -6.04 -17.43 3.50
CA ARG A 116 -5.14 -18.43 4.07
C ARG A 116 -5.57 -18.81 5.49
N ILE A 117 -6.28 -17.90 6.15
CA ILE A 117 -6.84 -18.12 7.49
C ILE A 117 -8.27 -18.68 7.41
N PHE A 118 -9.08 -18.10 6.54
CA PHE A 118 -10.46 -18.53 6.28
C PHE A 118 -10.61 -18.86 4.80
N PRO A 119 -10.32 -20.12 4.41
CA PRO A 119 -10.34 -20.49 2.99
C PRO A 119 -11.63 -20.11 2.27
N ASN A 120 -12.72 -20.01 3.01
CA ASN A 120 -13.99 -19.60 2.43
C ASN A 120 -14.40 -18.18 2.82
N GLY A 121 -13.52 -17.45 3.51
CA GLY A 121 -13.78 -16.07 3.93
C GLY A 121 -14.48 -16.01 5.27
N THR A 122 -15.44 -16.91 5.46
CA THR A 122 -16.12 -17.07 6.75
C THR A 122 -16.15 -18.53 7.19
N GLY A 123 -16.11 -18.75 8.50
CA GLY A 123 -16.38 -20.06 9.07
C GLY A 123 -15.18 -20.87 9.51
N MET A 124 -14.83 -21.85 8.69
N MET A 124 -14.84 -21.87 8.70
CA MET A 124 -13.77 -22.80 8.97
CA MET A 124 -13.77 -22.82 9.02
C MET A 124 -12.41 -22.10 9.00
C MET A 124 -12.41 -22.15 8.99
N VAL A 125 -11.70 -22.20 10.12
CA VAL A 125 -10.34 -21.68 10.22
C VAL A 125 -9.39 -22.71 9.63
N ASN A 126 -8.38 -22.24 8.89
CA ASN A 126 -7.31 -23.09 8.37
C ASN A 126 -6.11 -23.03 9.32
N GLN A 127 -6.04 -23.99 10.23
CA GLN A 127 -4.98 -24.01 11.27
C GLN A 127 -3.56 -23.98 10.71
N GLU A 128 -3.37 -24.51 9.51
CA GLU A 128 -2.07 -24.53 8.86
C GLU A 128 -1.62 -23.11 8.51
N GLY A 129 -2.57 -22.29 8.05
CA GLY A 129 -2.34 -20.87 7.76
C GLY A 129 -2.03 -20.07 9.01
N VAL A 130 -2.79 -20.32 10.08
CA VAL A 130 -2.55 -19.67 11.35
C VAL A 130 -1.14 -19.98 11.83
N ASP A 131 -0.72 -21.23 11.63
CA ASP A 131 0.58 -21.68 12.08
C ASP A 131 1.71 -20.96 11.39
N TYR A 132 1.52 -20.64 10.10
CA TYR A 132 2.55 -19.95 9.33
C TYR A 132 2.84 -18.56 9.90
N TYR A 133 1.77 -17.78 10.06
CA TYR A 133 1.86 -16.45 10.64
C TYR A 133 2.39 -16.44 12.06
N ASN A 134 2.02 -17.44 12.86
CA ASN A 134 2.66 -17.58 14.18
C ASN A 134 4.17 -17.81 14.06
N ARG A 135 4.58 -18.69 13.14
CA ARG A 135 6.02 -18.93 12.93
C ARG A 135 6.70 -17.62 12.53
N LEU A 136 6.13 -16.95 11.55
CA LEU A 136 6.66 -15.71 11.01
C LEU A 136 6.84 -14.67 12.08
N ILE A 137 5.76 -14.41 12.83
CA ILE A 137 5.77 -13.37 13.85
C ILE A 137 6.72 -13.70 14.99
N ASP A 138 6.68 -14.96 15.43
CA ASP A 138 7.58 -15.41 16.50
C ASP A 138 9.04 -15.23 16.09
N TYR A 139 9.34 -15.46 14.80
CA TYR A 139 10.71 -15.35 14.34
C TYR A 139 11.18 -13.90 14.34
N MET A 140 10.32 -13.00 13.88
CA MET A 140 10.60 -11.56 13.91
C MET A 140 10.86 -11.06 15.32
N VAL A 141 10.02 -11.50 16.26
CA VAL A 141 10.16 -11.11 17.67
C VAL A 141 11.49 -11.64 18.24
N LYS A 142 11.83 -12.88 17.88
CA LYS A 142 13.09 -13.49 18.27
C LYS A 142 14.27 -12.66 17.79
N LYS A 143 14.18 -12.11 16.58
CA LYS A 143 15.28 -11.34 16.00
C LYS A 143 15.21 -9.82 16.23
N GLY A 144 14.16 -9.34 16.91
CA GLY A 144 14.06 -7.93 17.26
C GLY A 144 13.46 -7.03 16.19
N ILE A 145 12.71 -7.63 15.26
CA ILE A 145 12.00 -6.90 14.21
C ILE A 145 10.55 -6.69 14.67
N LYS A 146 10.10 -5.44 14.72
CA LYS A 146 8.72 -5.12 15.08
C LYS A 146 7.72 -5.53 13.98
N PRO A 147 6.75 -6.38 14.32
CA PRO A 147 5.66 -6.73 13.39
C PRO A 147 4.60 -5.63 13.22
N TYR A 148 4.30 -5.29 11.97
CA TYR A 148 3.20 -4.39 11.64
C TYR A 148 2.32 -5.22 10.72
N ALA A 149 1.15 -5.63 11.20
CA ALA A 149 0.33 -6.53 10.43
C ALA A 149 -0.76 -5.76 9.69
N ASN A 150 -0.79 -5.93 8.37
CA ASN A 150 -1.87 -5.43 7.56
C ASN A 150 -2.83 -6.61 7.32
N LEU A 151 -4.13 -6.37 7.47
CA LEU A 151 -5.15 -7.42 7.32
C LEU A 151 -5.64 -7.66 5.90
N TYR A 152 -5.48 -6.69 5.01
CA TYR A 152 -5.98 -6.83 3.64
C TYR A 152 -5.08 -6.14 2.59
N HIS A 153 -4.59 -6.95 1.64
CA HIS A 153 -3.79 -6.40 0.56
C HIS A 153 -4.18 -7.02 -0.78
N TYR A 154 -5.35 -6.60 -1.24
CA TYR A 154 -5.96 -6.92 -2.54
C TYR A 154 -6.51 -8.35 -2.66
N ASP A 155 -6.47 -9.12 -1.57
CA ASP A 155 -6.67 -10.56 -1.69
C ASP A 155 -7.98 -11.08 -1.06
N LEU A 156 -9.11 -10.51 -1.47
CA LEU A 156 -10.43 -10.99 -1.06
C LEU A 156 -10.56 -12.49 -1.35
N PRO A 157 -11.04 -13.27 -0.37
CA PRO A 157 -11.39 -14.68 -0.65
C PRO A 157 -12.40 -14.80 -1.81
N LEU A 158 -12.09 -15.68 -2.77
CA LEU A 158 -12.94 -15.81 -3.95
C LEU A 158 -14.39 -16.14 -3.58
N ALA A 159 -14.57 -16.99 -2.58
CA ALA A 159 -15.90 -17.40 -2.13
C ALA A 159 -16.83 -16.22 -1.89
N LEU A 160 -16.31 -15.18 -1.22
CA LEU A 160 -17.13 -14.01 -0.87
C LEU A 160 -17.50 -13.22 -2.10
N HIS A 161 -16.63 -13.22 -3.10
CA HIS A 161 -16.94 -12.54 -4.36
C HIS A 161 -18.05 -13.33 -5.10
N GLU A 162 -17.97 -14.66 -5.01
CA GLU A 162 -18.97 -15.55 -5.59
C GLU A 162 -20.33 -15.46 -4.90
N GLN A 163 -20.34 -15.43 -3.58
CA GLN A 163 -21.59 -15.39 -2.82
C GLN A 163 -22.40 -14.13 -3.09
N TYR A 164 -21.75 -12.96 -3.00
CA TYR A 164 -22.47 -11.69 -3.03
C TYR A 164 -21.68 -10.53 -3.66
N LEU A 165 -20.65 -10.88 -4.42
CA LEU A 165 -19.78 -9.91 -5.10
C LEU A 165 -18.90 -9.07 -4.15
N GLY A 166 -18.49 -9.68 -3.03
CA GLY A 166 -17.49 -9.11 -2.13
C GLY A 166 -17.77 -7.68 -1.71
N TRP A 167 -16.86 -6.76 -2.03
CA TRP A 167 -16.97 -5.37 -1.57
C TRP A 167 -18.24 -4.64 -2.02
N LEU A 168 -18.95 -5.19 -3.01
CA LEU A 168 -20.18 -4.56 -3.49
C LEU A 168 -21.36 -4.85 -2.58
N SER A 169 -21.19 -5.69 -1.56
CA SER A 169 -22.32 -6.02 -0.70
C SER A 169 -22.11 -5.64 0.75
N PRO A 170 -23.16 -5.07 1.37
CA PRO A 170 -23.08 -4.73 2.79
C PRO A 170 -22.73 -5.92 3.68
N ASN A 171 -22.88 -7.14 3.14
CA ASN A 171 -22.57 -8.37 3.89
C ASN A 171 -21.10 -8.52 4.26
N ILE A 172 -20.25 -7.88 3.44
CA ILE A 172 -18.80 -7.96 3.62
C ILE A 172 -18.33 -7.39 4.95
N VAL A 173 -19.04 -6.37 5.44
CA VAL A 173 -18.63 -5.61 6.62
C VAL A 173 -18.45 -6.48 7.85
N GLU A 174 -19.45 -7.29 8.17
CA GLU A 174 -19.34 -8.16 9.34
C GLU A 174 -18.41 -9.36 9.07
N ALA A 175 -18.37 -9.83 7.83
CA ALA A 175 -17.41 -10.85 7.38
C ALA A 175 -15.95 -10.41 7.64
N PHE A 176 -15.62 -9.19 7.22
CA PHE A 176 -14.32 -8.61 7.49
C PHE A 176 -14.02 -8.41 8.98
N ALA A 177 -14.98 -7.80 9.69
CA ALA A 177 -14.81 -7.54 11.13
C ALA A 177 -14.55 -8.82 11.91
N ASP A 178 -15.21 -9.92 11.52
CA ASP A 178 -14.97 -11.22 12.18
C ASP A 178 -13.57 -11.73 11.93
N TYR A 179 -13.09 -11.54 10.70
CA TYR A 179 -11.74 -11.95 10.35
C TYR A 179 -10.72 -11.12 11.12
N ALA A 180 -10.95 -9.81 11.17
CA ALA A 180 -10.13 -8.90 11.97
C ALA A 180 -10.09 -9.34 13.42
N ASP A 181 -11.27 -9.53 14.01
CA ASP A 181 -11.45 -9.99 15.39
C ASP A 181 -10.58 -11.23 15.67
N PHE A 182 -10.73 -12.26 14.84
CA PHE A 182 -9.93 -13.46 14.97
C PHE A 182 -8.44 -13.15 15.01
N CYS A 183 -7.96 -12.32 14.08
CA CYS A 183 -6.55 -11.97 13.99
C CYS A 183 -6.07 -11.23 15.24
N PHE A 184 -6.88 -10.31 15.75
CA PHE A 184 -6.53 -9.60 16.97
C PHE A 184 -6.41 -10.57 18.12
N GLN A 185 -7.39 -11.47 18.25
CA GLN A 185 -7.38 -12.48 19.29
C GLN A 185 -6.15 -13.39 19.20
N THR A 186 -5.83 -13.79 17.97
CA THR A 186 -4.80 -14.80 17.72
C THR A 186 -3.36 -14.27 17.75
N PHE A 187 -3.14 -13.08 17.20
CA PHE A 187 -1.78 -12.56 16.96
C PHE A 187 -1.44 -11.35 17.81
N GLY A 188 -2.45 -10.79 18.48
CA GLY A 188 -2.31 -9.52 19.20
C GLY A 188 -1.48 -9.52 20.48
N ASP A 189 -1.09 -10.70 20.95
CA ASP A 189 -0.21 -10.76 22.12
C ASP A 189 1.19 -10.28 21.74
N ARG A 190 1.51 -10.34 20.46
CA ARG A 190 2.81 -9.86 20.02
C ARG A 190 2.78 -8.82 18.89
N VAL A 191 1.72 -8.81 18.08
CA VAL A 191 1.53 -7.73 17.14
C VAL A 191 0.85 -6.57 17.87
N LYS A 192 1.54 -5.43 17.92
CA LYS A 192 1.00 -4.22 18.53
C LYS A 192 0.69 -3.12 17.50
N ASP A 193 0.76 -3.47 16.21
CA ASP A 193 0.58 -2.47 15.18
C ASP A 193 -0.19 -3.03 14.03
N TRP A 194 -1.41 -2.54 13.87
CA TRP A 194 -2.33 -3.11 12.92
C TRP A 194 -2.72 -2.09 11.86
N PHE A 195 -2.91 -2.57 10.64
CA PHE A 195 -3.61 -1.79 9.65
C PHE A 195 -4.71 -2.67 9.18
N THR A 196 -5.84 -2.05 8.88
CA THR A 196 -6.99 -2.79 8.38
C THR A 196 -6.80 -3.06 6.89
N PHE A 197 -6.53 -2.00 6.13
CA PHE A 197 -6.44 -2.09 4.70
C PHE A 197 -5.19 -1.44 4.13
N ASN A 198 -4.61 -2.08 3.13
CA ASN A 198 -3.70 -1.41 2.23
C ASN A 198 -4.46 -0.80 1.07
N GLU A 199 -4.45 0.52 1.01
CA GLU A 199 -4.95 1.26 -0.15
C GLU A 199 -6.36 0.88 -0.60
N PRO A 200 -7.37 1.16 0.23
CA PRO A 200 -8.73 0.86 -0.21
C PRO A 200 -9.10 1.67 -1.46
N ARG A 201 -8.42 2.79 -1.71
CA ARG A 201 -8.69 3.55 -2.93
C ARG A 201 -8.36 2.75 -4.20
N CYS A 202 -7.30 1.94 -4.15
CA CYS A 202 -6.98 1.07 -5.29
C CYS A 202 -7.88 -0.15 -5.34
N VAL A 203 -8.16 -0.73 -4.19
CA VAL A 203 -9.16 -1.80 -4.13
C VAL A 203 -10.44 -1.36 -4.86
N ALA A 204 -10.92 -0.15 -4.58
CA ALA A 204 -12.14 0.32 -5.20
C ALA A 204 -11.94 0.75 -6.66
N ALA A 205 -10.89 1.52 -6.93
CA ALA A 205 -10.73 2.05 -8.29
C ALA A 205 -10.15 1.05 -9.29
N LEU A 206 -9.14 0.28 -8.92
CA LEU A 206 -8.56 -0.63 -9.88
C LEU A 206 -9.41 -1.89 -10.00
N GLY A 207 -10.10 -2.22 -8.92
CA GLY A 207 -11.00 -3.37 -8.90
C GLY A 207 -12.30 -3.13 -9.66
N TYR A 208 -12.84 -1.91 -9.57
CA TYR A 208 -14.23 -1.66 -9.94
C TYR A 208 -14.45 -0.47 -10.88
N ASP A 209 -13.43 0.37 -11.08
CA ASP A 209 -13.57 1.50 -12.00
C ASP A 209 -12.97 1.20 -13.37
N ASN A 210 -11.77 0.64 -13.40
CA ASN A 210 -11.16 0.31 -14.69
C ASN A 210 -10.87 -1.17 -14.84
N GLY A 211 -11.15 -1.95 -13.80
CA GLY A 211 -11.00 -3.39 -13.88
C GLY A 211 -9.56 -3.88 -14.08
N PHE A 212 -8.60 -3.01 -13.77
CA PHE A 212 -7.21 -3.35 -13.97
C PHE A 212 -6.75 -4.39 -12.96
N HIS A 213 -7.31 -4.34 -11.76
CA HIS A 213 -7.01 -5.31 -10.74
C HIS A 213 -8.22 -6.21 -10.49
N ALA A 214 -7.99 -7.35 -9.86
CA ALA A 214 -9.05 -8.25 -9.44
C ALA A 214 -10.16 -7.50 -8.67
N PRO A 215 -11.44 -7.77 -8.93
CA PRO A 215 -12.02 -8.79 -9.80
C PRO A 215 -12.31 -8.30 -11.23
N GLY A 216 -11.58 -7.28 -11.68
CA GLY A 216 -11.63 -6.85 -13.08
C GLY A 216 -12.99 -6.38 -13.54
N ARG A 217 -13.74 -5.74 -12.65
CA ARG A 217 -15.02 -5.15 -13.04
C ARG A 217 -14.87 -3.70 -13.49
N CYS A 218 -15.62 -3.34 -14.53
CA CYS A 218 -15.72 -1.97 -15.01
C CYS A 218 -16.85 -1.90 -16.05
N SER A 219 -17.18 -0.69 -16.50
CA SER A 219 -18.22 -0.51 -17.53
C SER A 219 -18.05 -1.39 -18.78
N GLY A 220 -16.94 -1.24 -19.49
CA GLY A 220 -16.72 -2.11 -20.67
C GLY A 220 -16.16 -3.51 -20.44
N CYS A 221 -15.86 -3.88 -19.20
CA CYS A 221 -15.11 -5.11 -18.88
C CYS A 221 -15.83 -6.45 -19.12
N ASP A 222 -15.05 -7.47 -19.49
CA ASP A 222 -15.49 -8.85 -19.66
C ASP A 222 -16.31 -9.34 -18.47
N ALA A 223 -15.82 -9.08 -17.27
CA ALA A 223 -16.48 -9.43 -16.04
C ALA A 223 -17.80 -8.69 -15.80
N GLY A 224 -18.07 -7.66 -16.60
CA GLY A 224 -19.18 -6.76 -16.36
C GLY A 224 -18.80 -5.69 -15.34
N GLY A 225 -19.78 -4.91 -14.90
CA GLY A 225 -19.56 -3.88 -13.90
C GLY A 225 -20.15 -2.55 -14.29
N ASN A 226 -19.97 -1.57 -13.42
CA ASN A 226 -20.46 -0.21 -13.67
C ASN A 226 -19.53 0.81 -13.01
N SER A 227 -18.75 1.49 -13.83
CA SER A 227 -17.75 2.47 -13.38
C SER A 227 -18.31 3.72 -12.72
N THR A 228 -19.60 4.00 -12.93
CA THR A 228 -20.24 5.17 -12.34
C THR A 228 -20.69 4.93 -10.88
N THR A 229 -20.86 3.66 -10.51
CA THR A 229 -21.48 3.34 -9.23
C THR A 229 -20.67 2.37 -8.37
N GLU A 230 -20.09 1.35 -8.99
CA GLU A 230 -19.42 0.28 -8.23
C GLU A 230 -18.21 0.72 -7.39
N PRO A 231 -17.34 1.60 -7.92
CA PRO A 231 -16.21 2.02 -7.04
C PRO A 231 -16.66 2.74 -5.75
N TYR A 232 -17.78 3.47 -5.83
CA TYR A 232 -18.33 4.19 -4.67
C TYR A 232 -18.96 3.26 -3.67
N LEU A 233 -19.64 2.24 -4.19
CA LEU A 233 -20.19 1.15 -3.39
C LEU A 233 -19.10 0.43 -2.60
N ALA A 234 -18.05 0.03 -3.33
CA ALA A 234 -16.87 -0.65 -2.79
C ALA A 234 -16.16 0.18 -1.71
N ALA A 235 -15.82 1.41 -2.06
CA ALA A 235 -15.17 2.31 -1.12
C ALA A 235 -15.99 2.40 0.16
N HIS A 236 -17.29 2.64 0.02
CA HIS A 236 -18.22 2.77 1.15
C HIS A 236 -18.17 1.54 2.07
N HIS A 237 -18.26 0.36 1.48
CA HIS A 237 -18.14 -0.87 2.26
C HIS A 237 -16.76 -1.10 2.86
N LEU A 238 -15.71 -0.62 2.19
CA LEU A 238 -14.35 -0.69 2.76
C LEU A 238 -14.24 0.18 4.02
N ILE A 239 -14.82 1.38 3.99
CA ILE A 239 -14.83 2.28 5.16
C ILE A 239 -15.61 1.67 6.33
N LEU A 240 -16.83 1.20 6.06
CA LEU A 240 -17.60 0.54 7.10
C LEU A 240 -16.88 -0.67 7.66
N SER A 241 -16.20 -1.44 6.80
CA SER A 241 -15.46 -2.61 7.25
C SER A 241 -14.28 -2.23 8.13
N HIS A 242 -13.55 -1.19 7.71
CA HIS A 242 -12.48 -0.67 8.52
C HIS A 242 -12.99 -0.29 9.92
N ALA A 243 -14.09 0.49 9.96
CA ALA A 243 -14.65 1.03 11.20
C ALA A 243 -15.14 -0.12 12.07
N ALA A 244 -15.80 -1.09 11.43
CA ALA A 244 -16.31 -2.24 12.16
C ALA A 244 -15.18 -3.05 12.81
N ALA A 245 -14.10 -3.26 12.07
CA ALA A 245 -12.91 -3.96 12.60
C ALA A 245 -12.27 -3.19 13.75
N VAL A 246 -12.11 -1.88 13.60
CA VAL A 246 -11.49 -1.07 14.65
C VAL A 246 -12.32 -1.08 15.93
N LYS A 247 -13.65 -1.06 15.80
CA LYS A 247 -14.56 -1.21 16.94
C LYS A 247 -14.28 -2.51 17.73
N ARG A 248 -14.12 -3.64 17.02
CA ARG A 248 -13.70 -4.87 17.70
C ARG A 248 -12.41 -4.63 18.46
N TYR A 249 -11.44 -3.99 17.78
CA TYR A 249 -10.12 -3.83 18.38
C TYR A 249 -10.22 -3.01 19.67
N ARG A 250 -10.93 -1.89 19.60
CA ARG A 250 -11.06 -0.97 20.71
C ARG A 250 -11.85 -1.57 21.88
N GLU A 251 -12.95 -2.23 21.57
CA GLU A 251 -13.84 -2.73 22.61
C GLU A 251 -13.32 -4.00 23.30
N LYS A 252 -12.64 -4.86 22.55
CA LYS A 252 -12.28 -6.21 23.02
C LYS A 252 -10.80 -6.41 23.33
N TYR A 253 -9.91 -5.70 22.65
CA TYR A 253 -8.49 -6.06 22.68
C TYR A 253 -7.55 -4.93 23.08
N GLN A 254 -7.84 -3.74 22.61
CA GLN A 254 -6.90 -2.62 22.71
C GLN A 254 -6.36 -2.34 24.12
N LEU A 255 -7.22 -2.29 25.14
CA LEU A 255 -6.77 -1.90 26.48
C LEU A 255 -5.91 -2.96 27.14
N TYR A 256 -5.96 -4.16 26.59
CA TYR A 256 -5.24 -5.30 27.16
C TYR A 256 -3.97 -5.56 26.37
N GLN A 257 -4.07 -5.52 25.04
CA GLN A 257 -2.92 -5.78 24.17
C GLN A 257 -2.02 -4.55 24.03
N LYS A 258 -2.60 -3.38 24.29
CA LYS A 258 -1.87 -2.10 24.27
C LYS A 258 -1.21 -1.80 22.94
N GLY A 259 -1.91 -2.10 21.87
CA GLY A 259 -1.42 -1.83 20.53
C GLY A 259 -2.15 -0.67 19.88
N ARG A 260 -1.90 -0.49 18.58
CA ARG A 260 -2.52 0.57 17.83
C ARG A 260 -2.98 0.08 16.48
N ILE A 261 -3.96 0.78 15.91
CA ILE A 261 -4.56 0.38 14.65
C ILE A 261 -4.78 1.59 13.74
N GLY A 262 -4.44 1.45 12.46
CA GLY A 262 -4.68 2.48 11.46
C GLY A 262 -5.09 1.89 10.11
N ILE A 263 -4.93 2.68 9.06
CA ILE A 263 -5.25 2.26 7.73
C ILE A 263 -4.09 2.79 6.89
N LEU A 264 -3.84 2.15 5.74
CA LEU A 264 -2.77 2.58 4.82
C LEU A 264 -3.47 3.19 3.62
N LEU A 265 -3.20 4.48 3.39
CA LEU A 265 -3.83 5.20 2.30
C LEU A 265 -2.81 5.71 1.30
N ASP A 266 -3.01 5.41 0.02
CA ASP A 266 -2.16 5.98 -1.01
C ASP A 266 -2.52 7.44 -1.25
N PHE A 267 -1.49 8.23 -1.54
CA PHE A 267 -1.59 9.65 -1.77
C PHE A 267 -0.54 10.02 -2.81
N VAL A 268 -1.01 10.35 -4.00
CA VAL A 268 -0.17 10.96 -5.01
C VAL A 268 -0.23 12.47 -4.71
N TRP A 269 0.90 13.19 -4.72
CA TRP A 269 0.79 14.64 -4.57
C TRP A 269 0.29 15.29 -5.86
N TYR A 270 -0.69 16.19 -5.73
CA TYR A 270 -1.20 16.92 -6.87
C TYR A 270 -0.84 18.37 -6.70
N GLU A 271 0.07 18.83 -7.55
CA GLU A 271 0.57 20.19 -7.53
C GLU A 271 -0.18 20.99 -8.59
N PRO A 272 -0.64 22.20 -8.24
CA PRO A 272 -1.32 23.02 -9.25
C PRO A 272 -0.37 23.31 -10.40
N PHE A 273 -0.86 23.21 -11.63
CA PHE A 273 0.00 23.46 -12.79
C PHE A 273 0.40 24.94 -12.84
N SER A 274 -0.55 25.82 -12.55
CA SER A 274 -0.29 27.25 -12.48
C SER A 274 -0.90 27.82 -11.21
N ASP A 275 -0.69 29.11 -10.96
CA ASP A 275 -1.22 29.76 -9.77
C ASP A 275 -2.70 30.19 -9.84
N SER A 276 -3.37 29.96 -10.97
CA SER A 276 -4.77 30.33 -11.11
C SER A 276 -5.70 29.66 -10.09
N ASN A 277 -6.87 30.26 -9.86
CA ASN A 277 -7.85 29.70 -8.93
C ASN A 277 -8.33 28.36 -9.44
N ALA A 278 -8.48 28.28 -10.76
CA ALA A 278 -8.95 27.07 -11.42
C ALA A 278 -7.99 25.88 -11.21
N ASP A 279 -6.69 26.05 -11.47
CA ASP A 279 -5.71 24.95 -11.32
C ASP A 279 -5.56 24.53 -9.85
N ARG A 280 -5.53 25.51 -8.95
N ARG A 280 -5.55 25.51 -8.94
CA ARG A 280 -5.46 25.29 -7.51
CA ARG A 280 -5.44 25.23 -7.52
C ARG A 280 -6.67 24.48 -7.02
C ARG A 280 -6.68 24.47 -6.99
N ALA A 281 -7.85 24.80 -7.55
CA ALA A 281 -9.07 24.10 -7.19
C ALA A 281 -9.06 22.69 -7.79
N ALA A 282 -8.51 22.54 -8.99
CA ALA A 282 -8.33 21.22 -9.60
C ALA A 282 -7.44 20.33 -8.72
N ALA A 283 -6.33 20.87 -8.20
CA ALA A 283 -5.46 20.05 -7.39
C ALA A 283 -6.15 19.64 -6.09
N GLN A 284 -6.86 20.58 -5.46
CA GLN A 284 -7.64 20.24 -4.27
C GLN A 284 -8.75 19.22 -4.58
N ARG A 285 -9.34 19.31 -5.77
CA ARG A 285 -10.38 18.39 -6.18
C ARG A 285 -9.82 16.98 -6.31
N ALA A 286 -8.60 16.86 -6.85
CA ALA A 286 -7.95 15.57 -6.98
C ALA A 286 -7.61 14.97 -5.62
N ARG A 287 -7.07 15.78 -4.72
CA ARG A 287 -6.76 15.32 -3.35
C ARG A 287 -8.01 14.78 -2.68
N ASP A 288 -9.14 15.48 -2.91
CA ASP A 288 -10.44 15.11 -2.35
C ASP A 288 -10.81 13.71 -2.79
N PHE A 289 -10.73 13.45 -4.10
CA PHE A 289 -11.12 12.16 -4.67
C PHE A 289 -10.10 11.05 -4.42
N HIS A 290 -8.84 11.42 -4.21
CA HIS A 290 -7.79 10.42 -4.06
C HIS A 290 -7.61 10.04 -2.58
N LEU A 291 -7.52 11.05 -1.71
CA LEU A 291 -7.28 10.85 -0.30
C LEU A 291 -8.51 11.14 0.56
N GLY A 292 -9.06 12.34 0.38
CA GLY A 292 -10.25 12.79 1.09
C GLY A 292 -11.35 11.75 1.17
N TRP A 293 -11.59 11.06 0.06
CA TRP A 293 -12.56 9.96 -0.04
C TRP A 293 -12.58 9.08 1.21
N PHE A 294 -11.40 8.81 1.77
CA PHE A 294 -11.27 7.92 2.92
C PHE A 294 -10.89 8.65 4.18
N LEU A 295 -10.05 9.68 4.05
CA LEU A 295 -9.57 10.41 5.23
C LEU A 295 -10.57 11.41 5.79
N ASP A 296 -11.47 11.95 4.97
CA ASP A 296 -12.52 12.81 5.51
C ASP A 296 -13.56 12.05 6.34
N PRO A 297 -14.04 10.89 5.86
CA PRO A 297 -14.88 10.10 6.78
C PRO A 297 -14.19 9.75 8.08
N ILE A 298 -12.92 9.39 8.01
CA ILE A 298 -12.21 8.88 9.19
C ILE A 298 -11.89 9.97 10.21
N ILE A 299 -11.48 11.14 9.71
CA ILE A 299 -11.24 12.28 10.59
C ILE A 299 -12.49 13.14 10.91
N HIS A 300 -13.41 13.28 9.95
CA HIS A 300 -14.55 14.17 10.14
C HIS A 300 -15.94 13.50 10.16
N GLY A 301 -16.00 12.18 9.94
CA GLY A 301 -17.28 11.48 9.87
C GLY A 301 -18.14 11.80 8.65
N ARG A 302 -17.55 12.33 7.57
CA ARG A 302 -18.31 12.69 6.37
C ARG A 302 -17.45 12.62 5.12
N TYR A 303 -18.08 12.58 3.95
CA TYR A 303 -17.35 12.61 2.69
C TYR A 303 -16.91 14.03 2.31
N PRO A 304 -15.90 14.14 1.41
CA PRO A 304 -15.52 15.44 0.88
C PRO A 304 -16.69 16.13 0.17
N TYR A 305 -16.81 17.45 0.38
CA TYR A 305 -17.91 18.20 -0.18
C TYR A 305 -17.96 18.08 -1.72
N SER A 306 -16.79 18.16 -2.36
CA SER A 306 -16.74 18.12 -3.81
C SER A 306 -17.31 16.81 -4.32
N MET A 307 -17.04 15.74 -3.60
CA MET A 307 -17.45 14.41 -4.05
C MET A 307 -18.96 14.30 -3.97
N LEU A 308 -19.53 14.67 -2.83
CA LEU A 308 -20.98 14.70 -2.65
C LEU A 308 -21.71 15.54 -3.70
N GLU A 309 -21.12 16.65 -4.12
CA GLU A 309 -21.80 17.55 -5.06
C GLU A 309 -21.69 17.05 -6.50
N ILE A 310 -20.54 16.46 -6.82
CA ILE A 310 -20.30 15.95 -8.17
C ILE A 310 -20.98 14.60 -8.35
N VAL A 311 -20.78 13.70 -7.39
CA VAL A 311 -21.19 12.30 -7.54
C VAL A 311 -22.66 12.07 -7.13
N LYS A 312 -23.15 12.92 -6.22
CA LYS A 312 -24.55 12.98 -5.85
C LYS A 312 -25.13 11.63 -5.46
N ASP A 313 -26.21 11.24 -6.13
CA ASP A 313 -26.97 10.04 -5.76
C ASP A 313 -26.14 8.75 -5.88
N ARG A 314 -25.12 8.78 -6.75
CA ARG A 314 -24.21 7.62 -6.94
C ARG A 314 -23.33 7.27 -5.75
N MET A 315 -23.20 8.18 -4.78
CA MET A 315 -22.45 7.90 -3.55
C MET A 315 -23.37 7.49 -2.42
N PRO A 316 -22.99 6.41 -1.70
CA PRO A 316 -23.82 6.07 -0.56
C PRO A 316 -23.71 7.13 0.54
N THR A 317 -24.65 7.11 1.48
CA THR A 317 -24.55 8.01 2.61
C THR A 317 -24.43 7.20 3.89
N PHE A 318 -23.75 7.79 4.87
CA PHE A 318 -23.62 7.19 6.19
C PHE A 318 -24.82 7.54 7.03
N SER A 319 -25.40 6.54 7.69
CA SER A 319 -26.30 6.76 8.83
C SER A 319 -25.54 7.52 9.94
N ASP A 320 -26.29 8.05 10.90
CA ASP A 320 -25.70 8.71 12.09
C ASP A 320 -24.81 7.77 12.90
N GLU A 321 -25.27 6.54 13.07
CA GLU A 321 -24.52 5.50 13.80
C GLU A 321 -23.21 5.23 13.05
N GLU A 322 -23.34 4.98 11.75
CA GLU A 322 -22.18 4.72 10.89
C GLU A 322 -21.16 5.85 10.97
N SER A 323 -21.62 7.09 10.78
CA SER A 323 -20.75 8.26 10.91
C SER A 323 -19.95 8.28 12.21
N ARG A 324 -20.59 7.92 13.32
CA ARG A 324 -19.92 7.94 14.62
C ARG A 324 -18.91 6.82 14.78
N MET A 325 -19.19 5.67 14.17
CA MET A 325 -18.31 4.52 14.19
C MET A 325 -17.06 4.81 13.34
N VAL A 326 -17.28 5.47 12.21
CA VAL A 326 -16.20 5.80 11.27
C VAL A 326 -15.27 6.90 11.80
N LYS A 327 -15.84 7.98 12.36
CA LYS A 327 -15.04 9.09 12.85
C LYS A 327 -14.10 8.65 14.00
N ASP A 328 -12.84 9.07 13.90
CA ASP A 328 -11.77 8.70 14.86
C ASP A 328 -11.49 7.19 14.95
N SER A 329 -11.70 6.47 13.85
CA SER A 329 -11.42 5.04 13.84
C SER A 329 -9.97 4.68 13.47
N ILE A 330 -9.02 5.54 13.84
CA ILE A 330 -7.58 5.25 13.68
C ILE A 330 -6.77 5.86 14.82
N ASP A 331 -5.67 5.20 15.17
CA ASP A 331 -4.70 5.76 16.13
C ASP A 331 -3.60 6.46 15.35
N TYR A 332 -3.42 6.04 14.09
CA TYR A 332 -2.52 6.69 13.15
C TYR A 332 -2.90 6.38 11.69
N VAL A 333 -2.38 7.18 10.76
CA VAL A 333 -2.62 6.94 9.36
C VAL A 333 -1.31 6.64 8.63
N GLY A 334 -1.32 5.56 7.86
CA GLY A 334 -0.21 5.22 7.01
C GLY A 334 -0.44 5.91 5.70
N ILE A 335 0.55 6.68 5.28
CA ILE A 335 0.56 7.30 3.97
C ILE A 335 1.56 6.59 3.05
N ASN A 336 1.06 6.00 1.97
CA ASN A 336 1.90 5.34 0.96
C ASN A 336 2.15 6.36 -0.10
N HIS A 337 3.39 6.82 -0.24
CA HIS A 337 3.66 7.88 -1.19
C HIS A 337 4.84 7.61 -2.10
N TYR A 338 4.61 7.79 -3.40
CA TYR A 338 5.63 7.52 -4.43
C TYR A 338 5.90 8.70 -5.35
N THR A 339 4.84 9.42 -5.75
CA THR A 339 4.93 10.27 -6.94
C THR A 339 4.02 11.49 -6.92
N SER A 340 4.19 12.38 -7.90
CA SER A 340 3.43 13.63 -7.97
C SER A 340 3.09 13.95 -9.41
N PHE A 341 2.02 14.73 -9.63
CA PHE A 341 1.70 15.26 -10.96
C PHE A 341 1.22 16.69 -10.89
N TYR A 342 1.42 17.45 -11.97
CA TYR A 342 0.78 18.77 -12.05
C TYR A 342 -0.70 18.58 -12.37
N MET A 343 -1.55 19.48 -11.89
CA MET A 343 -2.98 19.40 -12.15
C MET A 343 -3.52 20.68 -12.79
N LYS A 344 -4.24 20.51 -13.90
CA LYS A 344 -4.89 21.61 -14.63
C LYS A 344 -6.40 21.50 -14.51
N ASP A 345 -7.07 22.66 -14.52
CA ASP A 345 -8.50 22.72 -14.78
C ASP A 345 -8.70 22.29 -16.24
N PRO A 346 -9.59 21.30 -16.49
CA PRO A 346 -9.70 20.71 -17.81
C PRO A 346 -10.71 21.41 -18.75
N GLY A 347 -11.23 22.55 -18.32
CA GLY A 347 -12.28 23.25 -19.06
C GLY A 347 -13.63 22.97 -18.44
N PRO A 348 -14.71 23.04 -19.25
CA PRO A 348 -16.07 22.74 -18.76
C PRO A 348 -16.31 21.23 -18.68
N TRP A 349 -17.14 20.82 -17.71
CA TRP A 349 -17.36 19.39 -17.45
C TRP A 349 -18.66 18.87 -18.02
N ASN A 350 -18.58 17.74 -18.73
CA ASN A 350 -19.70 16.81 -18.89
C ASN A 350 -19.83 16.27 -17.46
N LEU A 351 -20.98 16.15 -16.80
CA LEU A 351 -22.40 16.14 -17.23
C LEU A 351 -22.85 14.68 -17.09
N THR A 352 -22.47 13.84 -18.04
CA THR A 352 -22.87 12.43 -18.00
C THR A 352 -21.89 11.60 -17.18
N PRO A 353 -22.38 10.93 -16.13
CA PRO A 353 -21.53 10.03 -15.38
C PRO A 353 -20.88 9.04 -16.31
N THR A 354 -19.57 8.87 -16.17
CA THR A 354 -18.79 7.96 -16.98
C THR A 354 -17.96 7.02 -16.11
N SER A 355 -17.25 7.60 -15.16
CA SER A 355 -16.40 6.84 -14.24
C SER A 355 -15.96 7.67 -13.03
N TYR A 356 -15.59 6.96 -11.96
CA TYR A 356 -14.95 7.56 -10.80
C TYR A 356 -13.79 8.46 -11.21
N GLN A 357 -12.87 7.94 -12.04
CA GLN A 357 -11.73 8.74 -12.50
C GLN A 357 -12.19 9.99 -13.27
N ASP A 358 -13.21 9.84 -14.10
CA ASP A 358 -13.75 10.96 -14.84
C ASP A 358 -14.39 12.02 -13.92
N ASP A 359 -15.01 11.52 -12.84
CA ASP A 359 -15.63 12.35 -11.82
C ASP A 359 -14.70 13.40 -11.17
N TRP A 360 -13.39 13.16 -11.19
CA TRP A 360 -12.45 14.16 -10.68
C TRP A 360 -12.50 15.47 -11.46
N HIS A 361 -12.80 15.41 -12.75
CA HIS A 361 -12.79 16.61 -13.61
C HIS A 361 -11.50 17.41 -13.52
N VAL A 362 -10.40 16.73 -13.84
CA VAL A 362 -9.07 17.33 -13.82
C VAL A 362 -8.28 16.99 -15.10
N GLY A 363 -7.30 17.81 -15.42
CA GLY A 363 -6.30 17.41 -16.38
C GLY A 363 -4.96 17.16 -15.72
N PHE A 364 -4.35 16.03 -16.06
CA PHE A 364 -3.00 15.69 -15.62
C PHE A 364 -1.96 16.37 -16.51
N ALA A 365 -0.86 16.80 -15.89
CA ALA A 365 0.27 17.25 -16.67
C ALA A 365 1.56 16.69 -16.08
N TYR A 366 2.53 16.37 -16.95
CA TYR A 366 3.73 15.65 -16.52
C TYR A 366 4.99 16.47 -16.80
N GLU A 367 4.77 17.71 -17.27
CA GLU A 367 5.86 18.64 -17.53
C GLU A 367 5.38 20.09 -17.52
N ARG A 368 6.29 21.00 -17.19
CA ARG A 368 5.96 22.39 -17.14
C ARG A 368 7.12 23.16 -17.72
N ASN A 369 6.83 23.94 -18.76
CA ASN A 369 7.86 24.72 -19.44
C ASN A 369 8.95 23.80 -20.02
N GLY A 370 8.52 22.74 -20.69
CA GLY A 370 9.42 21.78 -21.29
C GLY A 370 10.14 20.83 -20.33
N VAL A 371 10.17 21.20 -19.06
CA VAL A 371 10.83 20.41 -18.00
C VAL A 371 9.87 19.38 -17.39
N PRO A 372 10.18 18.09 -17.53
CA PRO A 372 9.38 17.03 -16.91
C PRO A 372 9.40 17.17 -15.39
N ILE A 373 8.28 16.85 -14.75
CA ILE A 373 8.16 16.95 -13.29
C ILE A 373 9.25 16.13 -12.60
N GLY A 374 9.63 15.03 -13.24
CA GLY A 374 10.76 14.22 -12.81
C GLY A 374 11.01 13.09 -13.80
N ALA A 375 12.13 12.40 -13.63
CA ALA A 375 12.41 11.17 -14.35
C ALA A 375 11.37 10.06 -14.02
N GLN A 376 11.10 9.20 -14.99
CA GLN A 376 10.16 8.12 -14.85
C GLN A 376 10.91 6.86 -14.43
N ALA A 377 10.41 6.16 -13.42
CA ALA A 377 10.96 4.86 -13.07
C ALA A 377 10.42 3.80 -14.06
N ASN A 378 10.64 2.52 -13.81
CA ASN A 378 10.07 1.49 -14.67
C ASN A 378 8.54 1.54 -14.83
N SER A 379 7.80 1.61 -13.71
CA SER A 379 6.32 1.66 -13.76
C SER A 379 5.86 2.92 -14.48
N TYR A 380 4.81 2.78 -15.30
CA TYR A 380 4.24 3.89 -16.11
C TYR A 380 3.78 5.11 -15.28
N TRP A 381 3.45 4.89 -14.02
CA TRP A 381 2.88 5.92 -13.18
C TRP A 381 3.89 6.57 -12.25
N LEU A 382 5.09 6.00 -12.18
CA LEU A 382 6.04 6.43 -11.16
C LEU A 382 7.00 7.46 -11.70
N TYR A 383 6.76 8.70 -11.30
CA TYR A 383 7.63 9.83 -11.62
C TYR A 383 8.37 10.22 -10.38
N ILE A 384 9.68 10.37 -10.53
CA ILE A 384 10.59 10.61 -9.42
C ILE A 384 10.62 12.09 -9.07
N VAL A 385 9.91 12.44 -8.00
CA VAL A 385 9.66 13.83 -7.64
C VAL A 385 9.79 13.94 -6.12
N PRO A 386 11.03 14.02 -5.61
CA PRO A 386 11.24 13.96 -4.15
C PRO A 386 10.49 15.03 -3.36
N TRP A 387 10.40 16.25 -3.88
CA TRP A 387 9.69 17.32 -3.16
C TRP A 387 8.22 17.00 -2.95
N GLY A 388 7.70 16.03 -3.69
CA GLY A 388 6.30 15.62 -3.54
C GLY A 388 6.01 15.03 -2.18
N ILE A 389 6.95 14.28 -1.61
CA ILE A 389 6.74 13.66 -0.29
C ILE A 389 6.61 14.71 0.81
N ASN A 390 7.28 15.85 0.60
CA ASN A 390 7.24 16.93 1.59
C ASN A 390 5.88 17.62 1.55
N LYS A 391 5.43 18.00 0.37
CA LYS A 391 4.12 18.61 0.22
C LYS A 391 2.97 17.70 0.72
N ALA A 392 3.04 16.41 0.41
CA ALA A 392 1.95 15.48 0.78
C ALA A 392 1.81 15.36 2.30
N VAL A 393 2.92 15.13 2.99
CA VAL A 393 2.93 14.98 4.43
C VAL A 393 2.52 16.28 5.16
N THR A 394 2.99 17.41 4.64
CA THR A 394 2.61 18.72 5.18
C THR A 394 1.13 18.98 5.00
N TYR A 395 0.60 18.66 3.82
CA TYR A 395 -0.84 18.73 3.57
C TYR A 395 -1.65 17.91 4.56
N VAL A 396 -1.19 16.70 4.88
CA VAL A 396 -1.95 15.85 5.83
C VAL A 396 -1.87 16.44 7.22
N LYS A 397 -0.71 16.98 7.58
CA LYS A 397 -0.52 17.73 8.83
C LYS A 397 -1.47 18.93 8.95
N GLU A 398 -1.59 19.72 7.90
CA GLU A 398 -2.38 20.96 7.97
C GLU A 398 -3.88 20.73 7.81
N THR A 399 -4.25 19.75 6.99
CA THR A 399 -5.65 19.45 6.72
C THR A 399 -6.36 18.65 7.83
N TYR A 400 -5.60 17.80 8.53
CA TYR A 400 -6.22 16.84 9.44
C TYR A 400 -5.79 16.96 10.92
N GLY A 401 -5.26 18.12 11.31
CA GLY A 401 -5.05 18.40 12.73
C GLY A 401 -3.82 17.72 13.27
N ASN A 402 -2.83 17.54 12.39
CA ASN A 402 -1.58 16.86 12.69
C ASN A 402 -1.78 15.51 13.34
N PRO A 403 -2.35 14.57 12.59
CA PRO A 403 -2.51 13.21 13.09
C PRO A 403 -1.17 12.51 13.15
N THR A 404 -1.07 11.44 13.92
CA THR A 404 0.10 10.60 13.90
C THR A 404 0.14 9.90 12.56
N MET A 405 1.28 10.01 11.90
CA MET A 405 1.45 9.48 10.57
C MET A 405 2.56 8.46 10.54
N ILE A 406 2.41 7.48 9.66
CA ILE A 406 3.52 6.61 9.27
C ILE A 406 3.65 6.77 7.76
N LEU A 407 4.87 7.00 7.29
CA LEU A 407 5.12 6.99 5.86
C LEU A 407 5.34 5.51 5.54
N SER A 408 4.26 4.87 5.10
CA SER A 408 4.15 3.42 5.14
C SER A 408 4.56 2.66 3.86
N GLU A 409 4.86 3.40 2.77
CA GLU A 409 5.43 2.84 1.53
C GLU A 409 6.07 3.92 0.72
N ASN A 410 7.20 3.57 0.11
CA ASN A 410 7.97 4.49 -0.70
C ASN A 410 9.07 3.66 -1.34
N GLY A 411 9.29 3.87 -2.63
CA GLY A 411 10.31 3.14 -3.35
C GLY A 411 10.14 3.40 -4.82
N MET A 412 10.90 2.67 -5.63
CA MET A 412 10.77 2.75 -7.08
C MET A 412 11.24 1.44 -7.74
N ASP A 413 10.94 1.27 -9.02
CA ASP A 413 11.31 0.02 -9.69
C ASP A 413 12.29 0.13 -10.84
N GLN A 414 13.09 -0.93 -10.97
CA GLN A 414 13.89 -1.24 -12.17
C GLN A 414 13.08 -2.19 -13.04
N PRO A 415 13.38 -2.22 -14.35
CA PRO A 415 12.80 -3.24 -15.23
C PRO A 415 13.12 -4.64 -14.74
N GLY A 416 12.23 -5.59 -14.97
CA GLY A 416 12.43 -6.97 -14.50
C GLY A 416 13.55 -7.73 -15.20
N ASN A 417 13.72 -7.48 -16.50
CA ASN A 417 14.67 -8.20 -17.32
C ASN A 417 16.08 -7.63 -17.25
N VAL A 418 16.73 -7.78 -16.10
CA VAL A 418 18.13 -7.42 -15.92
C VAL A 418 18.86 -8.53 -15.15
N SER A 419 20.15 -8.68 -15.40
CA SER A 419 20.93 -9.73 -14.73
C SER A 419 21.18 -9.35 -13.28
N ILE A 420 21.59 -10.34 -12.47
CA ILE A 420 22.08 -10.09 -11.11
C ILE A 420 23.13 -8.97 -11.10
N THR A 421 24.20 -9.19 -11.85
CA THR A 421 25.31 -8.26 -11.96
C THR A 421 24.85 -6.83 -12.17
N GLN A 422 23.88 -6.62 -13.05
CA GLN A 422 23.37 -5.27 -13.28
C GLN A 422 22.36 -4.85 -12.23
N GLY A 423 21.52 -5.79 -11.81
CA GLY A 423 20.44 -5.50 -10.90
C GLY A 423 20.86 -4.91 -9.57
N VAL A 424 22.05 -5.27 -9.09
CA VAL A 424 22.43 -4.92 -7.73
C VAL A 424 22.98 -3.52 -7.59
N HIS A 425 23.39 -2.94 -8.72
CA HIS A 425 23.94 -1.58 -8.70
C HIS A 425 22.87 -0.56 -9.08
N ASP A 426 21.95 -0.37 -8.13
CA ASP A 426 20.74 0.41 -8.33
C ASP A 426 20.93 1.80 -7.79
N THR A 427 21.94 2.48 -8.28
CA THR A 427 22.25 3.79 -7.74
C THR A 427 21.12 4.79 -7.97
N VAL A 428 20.27 4.57 -8.98
CA VAL A 428 19.06 5.38 -9.15
C VAL A 428 18.12 5.25 -7.93
N ARG A 429 18.11 4.07 -7.30
CA ARG A 429 17.27 3.81 -6.13
C ARG A 429 17.87 4.47 -4.88
N ILE A 430 19.19 4.40 -4.76
CA ILE A 430 19.93 5.15 -3.74
C ILE A 430 19.56 6.63 -3.84
N ARG A 431 19.70 7.22 -5.03
CA ARG A 431 19.30 8.62 -5.17
C ARG A 431 17.86 8.81 -4.75
N TYR A 432 16.97 7.92 -5.17
CA TYR A 432 15.54 8.04 -4.87
C TYR A 432 15.33 8.17 -3.36
N TYR A 433 15.86 7.20 -2.60
CA TYR A 433 15.68 7.20 -1.18
C TYR A 433 16.37 8.39 -0.48
N ARG A 434 17.61 8.66 -0.84
CA ARG A 434 18.32 9.76 -0.21
C ARG A 434 17.47 11.01 -0.32
N ASN A 435 16.98 11.28 -1.52
CA ASN A 435 16.22 12.47 -1.80
C ASN A 435 14.83 12.50 -1.17
N TYR A 436 14.07 11.40 -1.29
CA TYR A 436 12.75 11.36 -0.65
C TYR A 436 12.84 11.39 0.88
N ILE A 437 13.77 10.64 1.45
CA ILE A 437 13.92 10.62 2.90
C ILE A 437 14.35 11.97 3.45
N THR A 438 15.23 12.66 2.71
CA THR A 438 15.62 14.02 3.01
C THR A 438 14.43 14.98 3.04
N GLU A 439 13.56 14.89 2.02
CA GLU A 439 12.36 15.75 2.01
C GLU A 439 11.34 15.37 3.08
N LEU A 440 11.28 14.08 3.42
CA LEU A 440 10.51 13.65 4.58
C LEU A 440 11.03 14.29 5.87
N LYS A 441 12.35 14.28 6.05
N LYS A 441 12.36 14.27 6.05
CA LYS A 441 12.97 14.86 7.24
CA LYS A 441 13.01 14.88 7.22
C LYS A 441 12.56 16.33 7.42
C LYS A 441 12.55 16.33 7.41
N LYS A 442 12.55 17.09 6.32
CA LYS A 442 12.18 18.50 6.34
C LYS A 442 10.77 18.72 6.89
N ALA A 443 9.81 17.98 6.35
CA ALA A 443 8.42 18.02 6.81
C ALA A 443 8.27 17.65 8.28
N ILE A 444 9.07 16.68 8.75
CA ILE A 444 9.12 16.37 10.18
C ILE A 444 9.70 17.51 11.01
N ASP A 445 10.86 18.04 10.59
CA ASP A 445 11.49 19.19 11.21
C ASP A 445 10.56 20.39 11.32
N ASP A 446 9.58 20.45 10.42
CA ASP A 446 8.62 21.53 10.39
C ASP A 446 7.32 21.20 11.12
N GLY A 447 7.30 20.09 11.85
CA GLY A 447 6.20 19.79 12.74
C GLY A 447 5.35 18.56 12.45
N ALA A 448 5.59 17.87 11.34
CA ALA A 448 4.78 16.70 10.99
C ALA A 448 5.04 15.56 11.95
N LYS A 449 3.97 15.02 12.52
CA LYS A 449 4.04 13.96 13.49
C LYS A 449 4.17 12.58 12.82
N VAL A 450 5.30 12.38 12.16
CA VAL A 450 5.61 11.13 11.50
C VAL A 450 6.47 10.26 12.43
N ILE A 451 6.01 9.05 12.68
CA ILE A 451 6.69 8.22 13.67
C ILE A 451 7.42 7.04 13.03
N GLY A 452 7.33 6.90 11.72
CA GLY A 452 8.00 5.78 11.04
C GLY A 452 8.08 5.89 9.54
N TYR A 453 8.97 5.12 8.92
CA TYR A 453 9.15 5.10 7.47
C TYR A 453 9.38 3.67 7.01
N PHE A 454 8.68 3.27 5.96
CA PHE A 454 8.83 1.92 5.40
C PHE A 454 9.11 2.00 3.90
N ALA A 455 10.19 1.36 3.49
CA ALA A 455 10.51 1.16 2.09
C ALA A 455 9.71 0.00 1.51
N TRP A 456 9.10 0.23 0.35
CA TRP A 456 8.65 -0.86 -0.51
C TRP A 456 9.77 -1.14 -1.56
N SER A 457 10.34 -2.36 -1.59
CA SER A 457 10.07 -3.49 -0.68
C SER A 457 11.41 -4.18 -0.39
N LEU A 458 11.45 -5.12 0.55
CA LEU A 458 12.71 -5.82 0.80
C LEU A 458 13.18 -6.54 -0.45
N LEU A 459 12.30 -7.35 -1.02
CA LEU A 459 12.63 -8.22 -2.15
C LEU A 459 11.92 -7.81 -3.40
N ASP A 460 12.57 -7.97 -4.57
CA ASP A 460 11.84 -7.97 -5.84
C ASP A 460 10.73 -9.00 -5.68
N ASN A 461 9.53 -8.69 -6.16
CA ASN A 461 8.41 -9.61 -5.96
C ASN A 461 7.35 -9.53 -7.07
N PHE A 462 6.27 -10.27 -6.90
CA PHE A 462 5.17 -10.27 -7.87
C PHE A 462 4.51 -8.89 -7.90
N GLU A 463 4.66 -8.19 -9.01
CA GLU A 463 4.16 -6.83 -9.11
C GLU A 463 2.77 -6.77 -9.78
N TRP A 464 1.80 -7.50 -9.19
CA TRP A 464 0.40 -7.46 -9.70
C TRP A 464 0.35 -7.60 -11.23
N ARG A 465 -0.28 -6.65 -11.92
CA ARG A 465 -0.45 -6.76 -13.37
C ARG A 465 0.86 -6.72 -14.15
N LEU A 466 1.94 -6.20 -13.55
CA LEU A 466 3.23 -6.18 -14.22
C LEU A 466 4.01 -7.49 -14.05
N GLY A 467 3.46 -8.42 -13.28
CA GLY A 467 4.14 -9.68 -13.03
C GLY A 467 5.54 -9.48 -12.51
N TYR A 468 6.50 -10.12 -13.18
CA TYR A 468 7.90 -10.04 -12.79
C TYR A 468 8.66 -9.15 -13.74
N THR A 469 7.99 -8.21 -14.41
CA THR A 469 8.64 -7.27 -15.31
C THR A 469 9.01 -5.96 -14.62
N SER A 470 8.81 -5.95 -13.30
CA SER A 470 9.06 -4.79 -12.46
C SER A 470 9.74 -5.21 -11.15
N ARG A 471 10.92 -4.65 -10.88
CA ARG A 471 11.70 -4.97 -9.68
C ARG A 471 11.76 -3.79 -8.72
N PHE A 472 11.06 -3.89 -7.59
CA PHE A 472 10.96 -2.81 -6.60
C PHE A 472 11.85 -3.02 -5.37
N GLY A 473 12.55 -4.15 -5.32
CA GLY A 473 13.25 -4.51 -4.10
C GLY A 473 14.57 -3.78 -3.87
N ILE A 474 15.05 -3.83 -2.63
CA ILE A 474 16.39 -3.40 -2.28
C ILE A 474 17.28 -4.64 -2.18
N VAL A 475 16.66 -5.81 -2.42
CA VAL A 475 17.37 -7.08 -2.56
C VAL A 475 16.92 -7.75 -3.85
N TYR A 476 17.87 -8.09 -4.70
CA TYR A 476 17.59 -8.70 -5.99
C TYR A 476 17.27 -10.17 -5.77
N VAL A 477 16.30 -10.68 -6.51
CA VAL A 477 15.97 -12.08 -6.43
C VAL A 477 16.08 -12.74 -7.77
N ASP A 478 16.97 -13.74 -7.83
CA ASP A 478 17.09 -14.63 -8.98
C ASP A 478 15.87 -15.53 -8.95
N TYR A 479 15.01 -15.35 -9.94
CA TYR A 479 13.75 -16.09 -10.01
C TYR A 479 13.93 -17.53 -10.45
N LYS A 480 15.06 -17.84 -11.08
CA LYS A 480 15.41 -19.24 -11.37
C LYS A 480 15.80 -20.02 -10.09
N THR A 481 16.60 -19.40 -9.22
CA THR A 481 17.13 -20.13 -8.05
C THR A 481 16.52 -19.72 -6.71
N LEU A 482 15.78 -18.59 -6.71
CA LEU A 482 15.28 -17.91 -5.51
C LEU A 482 16.36 -17.44 -4.52
N LYS A 483 17.59 -17.31 -5.02
CA LYS A 483 18.67 -16.75 -4.24
C LYS A 483 18.52 -15.22 -4.15
N ARG A 484 18.82 -14.67 -2.97
CA ARG A 484 18.78 -13.23 -2.72
C ARG A 484 20.17 -12.58 -2.88
N TYR A 485 20.21 -11.38 -3.43
CA TYR A 485 21.44 -10.61 -3.58
C TYR A 485 21.20 -9.15 -3.21
N PRO A 486 21.63 -8.72 -2.01
CA PRO A 486 21.40 -7.33 -1.59
C PRO A 486 21.88 -6.34 -2.66
N LYS A 487 21.03 -5.39 -3.03
CA LYS A 487 21.43 -4.37 -3.98
C LYS A 487 22.21 -3.29 -3.26
N ASP A 488 22.86 -2.40 -4.00
CA ASP A 488 23.61 -1.35 -3.35
C ASP A 488 22.73 -0.55 -2.39
N SER A 489 21.44 -0.42 -2.71
CA SER A 489 20.53 0.38 -1.91
C SER A 489 20.30 -0.22 -0.54
N ALA A 490 20.32 -1.55 -0.46
CA ALA A 490 20.26 -2.22 0.84
C ALA A 490 21.43 -1.75 1.73
N PHE A 491 22.64 -1.83 1.18
CA PHE A 491 23.83 -1.39 1.89
C PHE A 491 23.81 0.09 2.20
N TRP A 492 23.17 0.88 1.35
CA TRP A 492 23.00 2.30 1.64
C TRP A 492 22.16 2.48 2.90
N PHE A 493 21.13 1.65 3.07
CA PHE A 493 20.32 1.69 4.28
C PHE A 493 21.14 1.27 5.48
N LYS A 494 21.88 0.18 5.32
CA LYS A 494 22.69 -0.37 6.40
C LYS A 494 23.65 0.67 6.94
N ASN A 495 24.24 1.42 6.02
CA ASN A 495 25.16 2.45 6.42
C ASN A 495 24.44 3.62 7.09
N MET A 496 23.40 4.13 6.44
CA MET A 496 22.64 5.25 6.99
C MET A 496 22.03 4.93 8.36
N LEU A 497 21.58 3.68 8.56
CA LEU A 497 20.90 3.31 9.80
C LEU A 497 21.81 3.03 11.03
N SER A 498 23.12 3.12 10.86
CA SER A 498 24.07 3.01 11.98
C SER A 498 24.96 4.24 12.01
C1 GOL B . 29.24 -3.30 -3.28
O1 GOL B . 28.26 -2.46 -3.88
C2 GOL B . 28.68 -4.39 -2.38
O2 GOL B . 28.66 -3.88 -1.06
C3 GOL B . 29.60 -5.60 -2.42
O3 GOL B . 28.91 -6.71 -2.97
C1 GOL C . 5.69 -0.69 -16.86
O1 GOL C . 4.90 0.47 -16.66
C2 GOL C . 5.62 -1.02 -18.34
O2 GOL C . 6.41 -2.17 -18.61
C3 GOL C . 4.16 -1.27 -18.72
O3 GOL C . 3.52 -0.02 -18.78
C1 GOL D . 1.78 0.29 19.60
O1 GOL D . 1.95 1.35 18.68
C2 GOL D . 2.95 0.28 20.57
O2 GOL D . 3.15 1.58 21.10
C3 GOL D . 4.24 -0.24 19.93
O3 GOL D . 4.27 0.04 18.54
C TRS E . -13.29 19.14 1.47
C1 TRS E . -13.95 18.62 0.20
C2 TRS E . -14.32 20.00 2.16
C3 TRS E . -12.90 18.07 2.49
N TRS E . -12.03 19.81 1.13
O1 TRS E . -14.32 19.66 -0.69
O2 TRS E . -15.37 19.13 2.48
O3 TRS E . -13.07 18.59 3.80
N1 EPE F . -1.29 2.04 -9.24
C2 EPE F . -1.58 1.92 -7.79
C3 EPE F . -0.27 1.55 -7.12
N4 EPE F . 0.33 0.39 -7.77
C5 EPE F . 0.39 0.32 -9.21
C6 EPE F . -0.92 0.75 -9.85
C7 EPE F . 0.52 -0.82 -7.02
C8 EPE F . -0.77 -1.61 -6.84
O8 EPE F . -1.62 -0.88 -5.99
C9 EPE F . -2.41 2.64 -9.94
C10 EPE F . -1.79 3.62 -10.92
S EPE F . -2.90 4.02 -12.27
O1S EPE F . -2.40 5.24 -12.89
O2S EPE F . -4.26 4.24 -11.77
O3S EPE F . -2.89 2.88 -13.18
C1 GOL G . -2.17 5.77 -7.02
O1 GOL G . -1.95 5.06 -5.83
C2 GOL G . -1.09 5.38 -8.02
O2 GOL G . 0.17 5.29 -7.39
C3 GOL G . -1.06 6.35 -9.20
O3 GOL G . -2.33 6.39 -9.83
C1 GIM H . 1.58 -0.16 -3.93
C2 GIM H . 1.10 -1.43 -3.30
N10 GIM H . 2.72 -0.01 -4.62
C3 GIM H . 2.13 -2.54 -3.53
C4 GIM H . 2.84 -2.40 -4.87
C5 GIM H . 3.68 -1.13 -4.83
C6 GIM H . 4.56 -0.88 -6.07
C7 GIM H . 1.69 1.92 -4.61
C8 GIM H . 2.80 1.25 -5.05
N1 GIM H . 0.95 1.04 -3.93
O3 GIM H . 1.50 -3.82 -3.42
O2 GIM H . 0.91 -1.23 -1.89
O4 GIM H . 3.65 -3.56 -5.15
O6 GIM H . 3.79 -0.50 -7.23
#